data_2FAP
#
_entry.id   2FAP
#
_cell.length_a   44.630
_cell.length_b   52.140
_cell.length_c   102.530
_cell.angle_alpha   90.00
_cell.angle_beta   90.00
_cell.angle_gamma   90.00
#
_symmetry.space_group_name_H-M   'P 21 21 21'
#
loop_
_entity.id
_entity.type
_entity.pdbx_description
1 polymer 'FK506-BINDING PROTEIN'
2 polymer FRAP
3 non-polymer 'C49-METHYL RAPAMYCIN'
4 water water
#
loop_
_entity_poly.entity_id
_entity_poly.type
_entity_poly.pdbx_seq_one_letter_code
_entity_poly.pdbx_strand_id
1 'polypeptide(L)'
;GVQVETISPGDGRTFPKRGQTCVVHYTGMLEDGKKFDSSRDRNKPFKFMLGKQEVIRGWEEGVAQMSVGQRAKLTISPDY
AYGATGHPGIIPPHATLVFDVELLKLE
;
A
2 'polypeptide(L)'
;VAILWHEMWHEGLEEASRLYFGERNVKGMFEVLEPLHAMMERGPQTLKETSFNQAYGRDLMEAQEWCRKYMKSGNVKDLT
QAWDLYYHVFRRIS
;
B
#
loop_
_chem_comp.id
_chem_comp.type
_chem_comp.name
_chem_comp.formula
RAD non-polymer 'C49-METHYL RAPAMYCIN' 'C52 H81 N O13'
#
# COMPACT_ATOMS: atom_id res chain seq x y z
N GLY A 1 -15.09 -2.21 17.11
CA GLY A 1 -14.00 -3.12 16.63
C GLY A 1 -14.04 -3.34 15.12
N VAL A 2 -14.08 -4.61 14.73
CA VAL A 2 -14.38 -4.98 13.35
C VAL A 2 -15.38 -6.15 13.35
N GLN A 3 -16.40 -6.07 12.49
CA GLN A 3 -17.35 -7.16 12.34
C GLN A 3 -17.02 -7.96 11.08
N VAL A 4 -17.08 -9.28 11.19
CA VAL A 4 -16.79 -10.16 10.06
C VAL A 4 -18.02 -10.96 9.64
N GLU A 5 -18.56 -10.67 8.45
CA GLU A 5 -19.72 -11.37 7.92
C GLU A 5 -19.36 -12.26 6.73
N THR A 6 -19.62 -13.55 6.85
CA THR A 6 -19.21 -14.49 5.80
C THR A 6 -20.09 -14.40 4.56
N ILE A 7 -19.46 -14.24 3.41
CA ILE A 7 -20.15 -14.29 2.13
C ILE A 7 -20.03 -15.69 1.50
N SER A 8 -18.79 -16.20 1.46
CA SER A 8 -18.54 -17.55 0.99
C SER A 8 -17.54 -18.24 1.91
N PRO A 9 -17.86 -19.47 2.34
CA PRO A 9 -17.08 -20.14 3.40
C PRO A 9 -15.69 -20.59 2.94
N GLY A 10 -14.73 -20.49 3.85
CA GLY A 10 -13.43 -21.10 3.64
C GLY A 10 -13.36 -22.49 4.27
N ASP A 11 -12.20 -23.14 4.19
CA ASP A 11 -12.10 -24.53 4.63
C ASP A 11 -12.20 -24.75 6.15
N GLY A 12 -12.24 -23.66 6.90
CA GLY A 12 -12.53 -23.74 8.33
C GLY A 12 -11.38 -24.19 9.23
N ARG A 13 -10.23 -24.50 8.65
CA ARG A 13 -9.08 -24.90 9.45
C ARG A 13 -7.77 -24.21 9.12
N THR A 14 -7.56 -23.87 7.84
CA THR A 14 -6.36 -23.15 7.45
C THR A 14 -6.47 -21.65 7.68
N PHE A 15 -6.02 -21.21 8.84
CA PHE A 15 -5.99 -19.78 9.20
C PHE A 15 -4.59 -19.19 9.07
N PRO A 16 -4.49 -17.85 8.98
CA PRO A 16 -3.17 -17.20 8.89
C PRO A 16 -2.44 -17.10 10.23
N LYS A 17 -1.13 -17.37 10.20
CA LYS A 17 -0.28 -17.12 11.35
C LYS A 17 0.48 -15.79 11.21
N ARG A 18 0.79 -15.18 12.34
CA ARG A 18 1.65 -13.99 12.38
C ARG A 18 2.96 -14.25 11.62
N GLY A 19 3.27 -13.38 10.67
CA GLY A 19 4.46 -13.56 9.86
C GLY A 19 4.22 -14.25 8.52
N GLN A 20 3.08 -14.92 8.40
CA GLN A 20 2.62 -15.44 7.11
C GLN A 20 2.18 -14.30 6.19
N THR A 21 2.32 -14.51 4.89
CA THR A 21 1.85 -13.54 3.90
C THR A 21 0.46 -13.91 3.41
N CYS A 22 -0.50 -13.01 3.63
CA CYS A 22 -1.87 -13.22 3.18
C CYS A 22 -2.11 -12.63 1.80
N VAL A 23 -2.55 -13.48 0.86
CA VAL A 23 -2.92 -13.03 -0.48
C VAL A 23 -4.44 -12.89 -0.60
N VAL A 24 -4.90 -11.68 -0.85
CA VAL A 24 -6.33 -11.40 -0.86
C VAL A 24 -6.79 -10.67 -2.13
N HIS A 25 -8.07 -10.77 -2.43
CA HIS A 25 -8.72 -9.81 -3.30
C HIS A 25 -9.65 -8.94 -2.44
N TYR A 26 -9.55 -7.63 -2.60
CA TYR A 26 -10.44 -6.73 -1.86
C TYR A 26 -11.09 -5.66 -2.71
N THR A 27 -12.29 -5.27 -2.30
CA THR A 27 -12.96 -4.07 -2.78
C THR A 27 -13.39 -3.27 -1.54
N GLY A 28 -12.85 -2.07 -1.41
CA GLY A 28 -13.20 -1.21 -0.29
C GLY A 28 -14.20 -0.13 -0.64
N MET A 29 -15.10 0.14 0.31
CA MET A 29 -16.11 1.19 0.11
C MET A 29 -16.52 1.87 1.41
N LEU A 30 -16.95 3.12 1.30
CA LEU A 30 -17.54 3.82 2.44
C LEU A 30 -18.87 3.14 2.79
N GLU A 31 -19.38 3.38 4.00
CA GLU A 31 -20.49 2.59 4.50
C GLU A 31 -21.76 2.73 3.66
N ASP A 32 -21.81 3.77 2.82
CA ASP A 32 -22.93 3.95 1.90
C ASP A 32 -22.74 3.24 0.55
N GLY A 33 -21.67 2.45 0.43
CA GLY A 33 -21.43 1.68 -0.78
C GLY A 33 -20.58 2.34 -1.84
N LYS A 34 -20.15 3.56 -1.60
CA LYS A 34 -19.23 4.24 -2.52
C LYS A 34 -17.85 3.58 -2.52
N LYS A 35 -17.46 3.01 -3.65
CA LYS A 35 -16.18 2.32 -3.78
C LYS A 35 -15.00 3.29 -3.88
N PHE A 36 -13.95 3.05 -3.10
CA PHE A 36 -12.71 3.85 -3.20
C PHE A 36 -11.49 3.10 -3.72
N ASP A 37 -11.50 1.77 -3.64
CA ASP A 37 -10.38 0.95 -4.09
C ASP A 37 -10.78 -0.50 -4.28
N SER A 38 -10.27 -1.15 -5.33
CA SER A 38 -10.50 -2.57 -5.52
C SER A 38 -9.35 -3.24 -6.25
N SER A 39 -8.82 -4.30 -5.66
CA SER A 39 -7.76 -5.08 -6.33
C SER A 39 -8.29 -5.83 -7.56
N ARG A 40 -9.60 -6.10 -7.57
CA ARG A 40 -10.21 -6.81 -8.68
C ARG A 40 -10.29 -5.95 -9.95
N ASP A 41 -10.45 -4.64 -9.75
CA ASP A 41 -10.35 -3.68 -10.86
C ASP A 41 -8.97 -3.68 -11.52
N ARG A 42 -7.96 -4.13 -10.78
CA ARG A 42 -6.59 -4.21 -11.30
C ARG A 42 -6.19 -5.64 -11.72
N ASN A 43 -7.04 -6.61 -11.43
CA ASN A 43 -6.78 -8.02 -11.75
C ASN A 43 -5.59 -8.64 -11.04
N LYS A 44 -4.98 -7.92 -10.10
CA LYS A 44 -3.87 -8.49 -9.33
C LYS A 44 -4.07 -8.45 -7.83
N PRO A 45 -3.87 -9.60 -7.16
CA PRO A 45 -4.13 -9.74 -5.72
C PRO A 45 -3.26 -8.83 -4.87
N PHE A 46 -3.69 -8.64 -3.62
CA PHE A 46 -2.95 -7.82 -2.67
C PHE A 46 -2.29 -8.73 -1.64
N LYS A 47 -1.00 -8.49 -1.40
CA LYS A 47 -0.26 -9.24 -0.38
C LYS A 47 0.17 -8.34 0.76
N PHE A 48 0.11 -8.87 1.97
CA PHE A 48 0.64 -8.21 3.15
C PHE A 48 0.97 -9.27 4.20
N MET A 49 2.00 -9.01 4.99
CA MET A 49 2.40 -9.96 6.02
C MET A 49 1.64 -9.70 7.31
N LEU A 50 0.99 -10.72 7.84
CA LEU A 50 0.15 -10.58 9.01
C LEU A 50 0.92 -10.20 10.29
N GLY A 51 0.33 -9.33 11.10
CA GLY A 51 0.91 -9.00 12.39
C GLY A 51 2.17 -8.17 12.34
N LYS A 52 2.31 -7.36 11.30
CA LYS A 52 3.48 -6.50 11.15
C LYS A 52 3.12 -5.02 11.11
N GLN A 53 1.85 -4.71 11.36
CA GLN A 53 1.33 -3.35 11.23
C GLN A 53 1.48 -2.73 9.85
N GLU A 54 1.51 -3.57 8.83
CA GLU A 54 1.54 -3.08 7.45
C GLU A 54 0.21 -2.48 7.05
N VAL A 55 -0.86 -3.01 7.64
CA VAL A 55 -2.22 -2.58 7.31
C VAL A 55 -2.98 -2.14 8.55
N ILE A 56 -4.09 -1.44 8.36
CA ILE A 56 -4.94 -1.00 9.47
C ILE A 56 -5.40 -2.15 10.39
N ARG A 57 -5.60 -1.84 11.66
CA ARG A 57 -5.91 -2.82 12.69
C ARG A 57 -7.12 -3.69 12.33
N GLY A 58 -8.16 -3.07 11.78
CA GLY A 58 -9.35 -3.78 11.38
C GLY A 58 -9.08 -4.92 10.41
N TRP A 59 -8.16 -4.70 9.47
CA TRP A 59 -7.68 -5.77 8.58
C TRP A 59 -6.88 -6.82 9.32
N GLU A 60 -5.99 -6.38 10.21
CA GLU A 60 -5.15 -7.31 10.96
C GLU A 60 -5.98 -8.29 11.79
N GLU A 61 -7.00 -7.77 12.48
CA GLU A 61 -7.86 -8.60 13.31
C GLU A 61 -8.97 -9.31 12.53
N GLY A 62 -9.47 -8.65 11.49
CA GLY A 62 -10.52 -9.25 10.68
C GLY A 62 -10.03 -10.42 9.84
N VAL A 63 -8.90 -10.24 9.16
CA VAL A 63 -8.34 -11.27 8.28
C VAL A 63 -7.76 -12.44 9.07
N ALA A 64 -7.27 -12.16 10.27
CA ALA A 64 -6.73 -13.20 11.14
C ALA A 64 -7.73 -14.32 11.42
N GLN A 65 -9.02 -13.99 11.46
CA GLN A 65 -10.04 -14.99 11.78
C GLN A 65 -10.74 -15.56 10.56
N MET A 66 -10.14 -15.35 9.38
CA MET A 66 -10.64 -15.94 8.15
C MET A 66 -9.78 -17.15 7.79
N SER A 67 -10.37 -18.14 7.13
CA SER A 67 -9.64 -19.31 6.67
C SER A 67 -9.59 -19.33 5.16
N VAL A 68 -8.62 -20.02 4.58
CA VAL A 68 -8.37 -19.97 3.14
C VAL A 68 -9.60 -20.30 2.29
N GLY A 69 -9.84 -19.50 1.26
CA GLY A 69 -11.00 -19.67 0.41
C GLY A 69 -12.18 -18.80 0.80
N GLN A 70 -12.17 -18.31 2.04
CA GLN A 70 -13.29 -17.55 2.58
C GLN A 70 -13.38 -16.13 2.07
N ARG A 71 -14.58 -15.76 1.62
CA ARG A 71 -14.89 -14.39 1.26
C ARG A 71 -15.80 -13.79 2.33
N ALA A 72 -15.33 -12.73 2.96
CA ALA A 72 -16.06 -12.12 4.06
C ALA A 72 -16.27 -10.62 3.84
N LYS A 73 -17.18 -10.07 4.64
CA LYS A 73 -17.49 -8.66 4.62
C LYS A 73 -17.00 -8.06 5.94
N LEU A 74 -15.98 -7.22 5.83
CA LEU A 74 -15.41 -6.56 7.01
C LEU A 74 -16.02 -5.18 7.20
N THR A 75 -16.80 -5.03 8.26
CA THR A 75 -17.27 -3.71 8.68
C THR A 75 -16.37 -3.16 9.78
N ILE A 76 -15.62 -2.11 9.44
CA ILE A 76 -14.57 -1.60 10.33
C ILE A 76 -14.90 -0.22 10.89
N SER A 77 -14.88 -0.13 12.22
CA SER A 77 -15.08 1.14 12.93
C SER A 77 -13.93 2.10 12.64
N PRO A 78 -14.20 3.42 12.63
CA PRO A 78 -13.12 4.40 12.40
C PRO A 78 -11.93 4.23 13.33
N ASP A 79 -12.18 3.69 14.53
CA ASP A 79 -11.11 3.40 15.49
C ASP A 79 -10.11 2.36 14.97
N TYR A 80 -10.60 1.40 14.19
CA TYR A 80 -9.76 0.32 13.69
C TYR A 80 -9.35 0.56 12.26
N ALA A 81 -9.43 1.83 11.90
CA ALA A 81 -9.12 2.15 10.54
C ALA A 81 -8.39 3.48 10.37
N TYR A 82 -9.07 4.56 10.00
CA TYR A 82 -8.31 5.83 9.83
C TYR A 82 -8.63 6.96 10.81
N GLY A 83 -9.52 6.69 11.76
CA GLY A 83 -9.73 7.61 12.87
C GLY A 83 -10.30 8.98 12.55
N ALA A 84 -9.98 9.95 13.39
CA ALA A 84 -10.54 11.30 13.27
C ALA A 84 -9.96 12.07 12.08
N THR A 85 -8.71 11.79 11.75
CA THR A 85 -8.05 12.45 10.64
C THR A 85 -8.48 11.84 9.32
N GLY A 86 -8.68 10.53 9.31
CA GLY A 86 -8.97 9.82 8.07
C GLY A 86 -7.78 9.74 7.15
N HIS A 87 -8.02 9.87 5.85
CA HIS A 87 -6.93 10.01 4.91
C HIS A 87 -7.23 11.10 3.90
N PRO A 88 -6.52 12.25 4.01
CA PRO A 88 -6.94 13.50 3.38
C PRO A 88 -7.14 13.37 1.87
N GLY A 89 -8.34 13.67 1.40
CA GLY A 89 -8.64 13.58 -0.01
C GLY A 89 -9.23 12.25 -0.45
N ILE A 90 -9.17 11.23 0.41
CA ILE A 90 -9.58 9.88 0.05
C ILE A 90 -10.64 9.35 1.01
N ILE A 91 -10.26 9.21 2.28
CA ILE A 91 -11.19 8.75 3.31
C ILE A 91 -11.50 9.91 4.25
N PRO A 92 -12.80 10.25 4.41
CA PRO A 92 -13.27 11.32 5.30
C PRO A 92 -13.01 11.03 6.78
N PRO A 93 -13.13 12.05 7.64
CA PRO A 93 -12.99 11.86 9.09
C PRO A 93 -14.04 10.95 9.70
N HIS A 94 -13.62 10.15 10.68
CA HIS A 94 -14.52 9.29 11.46
C HIS A 94 -15.30 8.28 10.62
N ALA A 95 -14.72 7.82 9.51
CA ALA A 95 -15.42 6.96 8.57
C ALA A 95 -15.43 5.47 8.95
N THR A 96 -16.61 4.89 9.01
CA THR A 96 -16.75 3.43 9.06
C THR A 96 -16.50 2.86 7.66
N LEU A 97 -15.61 1.88 7.54
CA LEU A 97 -15.27 1.33 6.23
C LEU A 97 -15.83 -0.07 6.05
N VAL A 98 -16.12 -0.42 4.81
CA VAL A 98 -16.59 -1.75 4.51
C VAL A 98 -15.74 -2.37 3.40
N PHE A 99 -15.09 -3.47 3.74
CA PHE A 99 -14.26 -4.18 2.77
C PHE A 99 -14.85 -5.55 2.44
N ASP A 100 -15.00 -5.80 1.15
CA ASP A 100 -15.26 -7.15 0.65
C ASP A 100 -13.90 -7.78 0.35
N VAL A 101 -13.48 -8.74 1.18
CA VAL A 101 -12.16 -9.35 1.02
C VAL A 101 -12.19 -10.88 1.04
N GLU A 102 -11.54 -11.48 0.05
CA GLU A 102 -11.47 -12.92 -0.12
C GLU A 102 -10.02 -13.39 0.09
N LEU A 103 -9.81 -14.29 1.04
CA LEU A 103 -8.48 -14.80 1.33
C LEU A 103 -8.12 -15.93 0.37
N LEU A 104 -7.34 -15.59 -0.66
CA LEU A 104 -7.06 -16.52 -1.74
C LEU A 104 -6.08 -17.63 -1.35
N LYS A 105 -4.98 -17.25 -0.72
CA LYS A 105 -3.98 -18.21 -0.21
C LYS A 105 -3.00 -17.62 0.80
N LEU A 106 -2.31 -18.50 1.50
CA LEU A 106 -1.31 -18.10 2.47
C LEU A 106 0.09 -18.45 2.00
N GLU A 107 1.04 -17.53 2.21
CA GLU A 107 2.43 -17.75 1.84
C GLU A 107 3.35 -17.33 3.00
N VAL B 1 29.47 8.80 1.29
CA VAL B 1 29.43 7.34 1.64
C VAL B 1 29.04 6.52 0.41
N ALA B 2 29.27 5.21 0.46
CA ALA B 2 28.95 4.32 -0.66
C ALA B 2 27.72 3.46 -0.37
N ILE B 3 26.72 3.54 -1.24
CA ILE B 3 25.50 2.76 -1.07
C ILE B 3 24.95 2.21 -2.39
N LEU B 4 24.54 0.96 -2.37
CA LEU B 4 23.89 0.35 -3.53
C LEU B 4 22.53 0.99 -3.81
N TRP B 5 22.26 1.33 -5.05
CA TRP B 5 20.99 1.94 -5.44
C TRP B 5 19.81 1.05 -5.04
N HIS B 6 20.04 -0.26 -5.08
CA HIS B 6 19.05 -1.24 -4.65
C HIS B 6 18.64 -0.99 -3.19
N GLU B 7 19.63 -0.75 -2.34
CA GLU B 7 19.41 -0.57 -0.91
C GLU B 7 18.88 0.83 -0.60
N MET B 8 19.45 1.82 -1.28
CA MET B 8 19.06 3.23 -1.15
C MET B 8 17.58 3.47 -1.41
N TRP B 9 17.07 2.89 -2.48
CA TRP B 9 15.66 3.03 -2.83
C TRP B 9 14.73 2.21 -1.94
N HIS B 10 15.22 1.08 -1.43
CA HIS B 10 14.44 0.26 -0.51
C HIS B 10 14.11 1.01 0.78
N GLU B 11 15.14 1.46 1.47
CA GLU B 11 14.96 2.20 2.73
C GLU B 11 14.33 3.58 2.51
N GLY B 12 14.63 4.21 1.37
CA GLY B 12 14.03 5.48 1.03
C GLY B 12 12.51 5.42 0.88
N LEU B 13 12.04 4.44 0.12
CA LEU B 13 10.61 4.25 -0.10
C LEU B 13 9.85 3.84 1.17
N GLU B 14 10.48 3.01 1.99
CA GLU B 14 9.90 2.63 3.28
C GLU B 14 9.68 3.86 4.16
N GLU B 15 10.68 4.74 4.20
CA GLU B 15 10.62 5.99 4.97
C GLU B 15 9.53 6.93 4.47
N ALA B 16 9.52 7.17 3.17
CA ALA B 16 8.55 8.05 2.53
C ALA B 16 7.09 7.60 2.74
N SER B 17 6.85 6.29 2.66
CA SER B 17 5.48 5.76 2.82
C SER B 17 5.02 5.80 4.26
N ARG B 18 5.95 5.61 5.18
CA ARG B 18 5.68 5.79 6.60
C ARG B 18 5.22 7.23 6.86
N LEU B 19 5.98 8.19 6.35
CA LEU B 19 5.66 9.60 6.57
C LEU B 19 4.33 10.05 5.95
N TYR B 20 4.10 9.68 4.68
CA TYR B 20 2.85 10.01 4.01
C TYR B 20 1.64 9.23 4.57
N PHE B 21 1.68 7.91 4.48
CA PHE B 21 0.57 7.06 4.88
C PHE B 21 0.40 6.96 6.39
N GLY B 22 1.49 6.79 7.12
CA GLY B 22 1.42 6.67 8.56
C GLY B 22 1.22 7.98 9.32
N GLU B 23 1.89 9.04 8.89
CA GLU B 23 1.93 10.28 9.66
C GLU B 23 1.27 11.47 8.97
N ARG B 24 0.76 11.25 7.76
CA ARG B 24 0.10 12.31 6.98
C ARG B 24 1.06 13.44 6.64
N ASN B 25 2.35 13.11 6.60
CA ASN B 25 3.39 14.10 6.32
C ASN B 25 3.81 14.08 4.84
N VAL B 26 3.15 14.91 4.05
CA VAL B 26 3.44 14.97 2.62
C VAL B 26 4.71 15.79 2.37
N LYS B 27 4.92 16.82 3.17
CA LYS B 27 6.14 17.63 3.10
C LYS B 27 7.38 16.76 3.40
N GLY B 28 7.31 15.98 4.47
CA GLY B 28 8.38 15.06 4.80
C GLY B 28 8.60 13.98 3.76
N MET B 29 7.52 13.52 3.15
CA MET B 29 7.60 12.57 2.04
C MET B 29 8.45 13.12 0.91
N PHE B 30 8.23 14.38 0.54
CA PHE B 30 9.02 15.04 -0.50
C PHE B 30 10.49 15.19 -0.11
N GLU B 31 10.73 15.41 1.19
CA GLU B 31 12.08 15.56 1.72
C GLU B 31 12.96 14.34 1.44
N VAL B 32 12.42 13.15 1.70
CA VAL B 32 13.20 11.92 1.56
C VAL B 32 13.32 11.44 0.10
N LEU B 33 12.31 11.72 -0.71
CA LEU B 33 12.25 11.23 -2.08
C LEU B 33 13.11 12.03 -3.06
N GLU B 34 13.11 13.35 -2.90
CA GLU B 34 13.80 14.25 -3.81
C GLU B 34 15.31 13.98 -3.99
N PRO B 35 16.05 13.78 -2.89
CA PRO B 35 17.44 13.33 -2.95
C PRO B 35 17.68 12.07 -3.77
N LEU B 36 16.78 11.09 -3.64
CA LEU B 36 16.94 9.81 -4.34
C LEU B 36 16.73 10.00 -5.85
N HIS B 37 15.79 10.86 -6.20
CA HIS B 37 15.55 11.22 -7.61
C HIS B 37 16.70 12.04 -8.19
N ALA B 38 17.35 12.85 -7.35
CA ALA B 38 18.52 13.63 -7.75
C ALA B 38 19.73 12.74 -8.04
N MET B 39 19.97 11.74 -7.20
CA MET B 39 20.99 10.72 -7.46
C MET B 39 20.83 10.03 -8.82
N MET B 40 19.60 9.64 -9.15
CA MET B 40 19.32 9.03 -10.46
C MET B 40 19.65 9.98 -11.61
N GLU B 41 19.54 11.28 -11.36
CA GLU B 41 19.70 12.30 -12.39
C GLU B 41 21.15 12.43 -12.86
N ARG B 42 22.10 12.23 -11.96
CA ARG B 42 23.51 12.26 -12.34
C ARG B 42 23.93 11.02 -13.09
N GLY B 43 23.19 9.94 -12.94
CA GLY B 43 23.35 8.80 -13.82
C GLY B 43 24.22 7.68 -13.27
N PRO B 44 24.05 6.46 -13.80
CA PRO B 44 24.76 5.28 -13.29
C PRO B 44 26.26 5.31 -13.59
N GLN B 45 27.06 4.89 -12.61
CA GLN B 45 28.52 4.91 -12.73
C GLN B 45 29.15 3.53 -12.53
N THR B 46 28.33 2.57 -12.11
CA THR B 46 28.78 1.20 -11.95
C THR B 46 27.87 0.26 -12.74
N LEU B 47 28.26 -1.00 -12.84
CA LEU B 47 27.45 -2.03 -13.49
C LEU B 47 26.12 -2.27 -12.76
N LYS B 48 26.16 -2.21 -11.44
CA LYS B 48 24.98 -2.44 -10.60
C LYS B 48 24.01 -1.27 -10.61
N GLU B 49 24.54 -0.07 -10.79
CA GLU B 49 23.70 1.11 -10.95
C GLU B 49 23.09 1.16 -12.36
N THR B 50 23.82 0.61 -13.33
CA THR B 50 23.34 0.52 -14.70
C THR B 50 22.19 -0.47 -14.86
N SER B 51 22.34 -1.65 -14.27
CA SER B 51 21.28 -2.66 -14.32
C SER B 51 20.02 -2.26 -13.56
N PHE B 52 20.19 -1.67 -12.38
CA PHE B 52 19.07 -1.10 -11.63
C PHE B 52 18.33 -0.06 -12.48
N ASN B 53 19.09 0.79 -13.17
CA ASN B 53 18.51 1.84 -14.00
C ASN B 53 17.73 1.26 -15.19
N GLN B 54 18.26 0.20 -15.78
CA GLN B 54 17.61 -0.46 -16.91
C GLN B 54 16.29 -1.10 -16.50
N ALA B 55 16.23 -1.62 -15.28
CA ALA B 55 15.05 -2.31 -14.79
C ALA B 55 13.97 -1.38 -14.24
N TYR B 56 14.39 -0.41 -13.43
CA TYR B 56 13.45 0.39 -12.64
C TYR B 56 13.45 1.87 -13.01
N GLY B 57 14.32 2.26 -13.92
CA GLY B 57 14.50 3.66 -14.24
C GLY B 57 13.27 4.37 -14.81
N ARG B 58 12.56 3.73 -15.73
CA ARG B 58 11.37 4.33 -16.33
C ARG B 58 10.25 4.53 -15.30
N ASP B 59 10.04 3.52 -14.46
CA ASP B 59 8.99 3.55 -13.45
C ASP B 59 9.18 4.65 -12.41
N LEU B 60 10.42 4.82 -11.96
CA LEU B 60 10.74 5.86 -10.97
C LEU B 60 10.60 7.27 -11.54
N MET B 61 11.02 7.43 -12.80
CA MET B 61 10.90 8.72 -13.47
C MET B 61 9.45 9.09 -13.73
N GLU B 62 8.63 8.09 -14.05
CA GLU B 62 7.19 8.31 -14.20
C GLU B 62 6.52 8.66 -12.87
N ALA B 63 6.89 7.96 -11.80
CA ALA B 63 6.40 8.28 -10.46
C ALA B 63 6.74 9.72 -10.02
N GLN B 64 7.96 10.16 -10.30
CA GLN B 64 8.37 11.54 -10.03
C GLN B 64 7.47 12.53 -10.77
N GLU B 65 7.10 12.16 -11.99
CA GLU B 65 6.18 12.97 -12.78
C GLU B 65 4.78 13.09 -12.17
N TRP B 66 4.26 12.00 -11.61
CA TRP B 66 2.97 12.05 -10.92
C TRP B 66 3.02 12.88 -9.62
N CYS B 67 4.16 12.83 -8.94
CA CYS B 67 4.44 13.73 -7.82
C CYS B 67 4.46 15.19 -8.29
N ARG B 68 5.08 15.43 -9.44
CA ARG B 68 5.18 16.75 -10.05
C ARG B 68 3.80 17.30 -10.40
N LYS B 69 2.95 16.44 -10.95
CA LYS B 69 1.59 16.80 -11.30
C LYS B 69 0.75 17.14 -10.07
N TYR B 70 0.89 16.34 -9.02
CA TYR B 70 0.25 16.64 -7.74
C TYR B 70 0.58 18.06 -7.30
N MET B 71 1.86 18.42 -7.40
CA MET B 71 2.33 19.74 -7.02
C MET B 71 1.55 20.89 -7.68
N LYS B 72 1.19 20.73 -8.95
CA LYS B 72 0.43 21.76 -9.65
C LYS B 72 -1.10 21.68 -9.48
N SER B 73 -1.62 20.47 -9.31
CA SER B 73 -3.06 20.23 -9.37
C SER B 73 -3.75 20.27 -8.02
N GLY B 74 -3.06 19.78 -6.99
CA GLY B 74 -3.69 19.61 -5.68
C GLY B 74 -4.49 18.33 -5.60
N ASN B 75 -4.51 17.60 -6.71
CA ASN B 75 -5.29 16.38 -6.83
C ASN B 75 -4.59 15.22 -6.12
N VAL B 76 -5.07 14.88 -4.93
CA VAL B 76 -4.55 13.73 -4.19
C VAL B 76 -4.47 12.44 -5.03
N LYS B 77 -5.33 12.35 -6.04
CA LYS B 77 -5.34 11.24 -6.98
C LYS B 77 -4.01 11.07 -7.74
N ASP B 78 -3.33 12.18 -8.00
CA ASP B 78 -2.04 12.15 -8.69
C ASP B 78 -0.92 11.59 -7.81
N LEU B 79 -1.03 11.82 -6.51
CA LEU B 79 -0.06 11.28 -5.56
C LEU B 79 -0.22 9.77 -5.40
N THR B 80 -1.46 9.30 -5.38
CA THR B 80 -1.72 7.86 -5.33
C THR B 80 -1.20 7.13 -6.57
N GLN B 81 -1.32 7.77 -7.74
CA GLN B 81 -0.74 7.23 -8.96
C GLN B 81 0.79 7.14 -8.91
N ALA B 82 1.44 8.09 -8.24
CA ALA B 82 2.87 8.01 -7.98
C ALA B 82 3.20 6.82 -7.09
N TRP B 83 2.39 6.61 -6.05
CA TRP B 83 2.65 5.55 -5.09
C TRP B 83 2.34 4.15 -5.59
N ASP B 84 1.46 4.07 -6.58
CA ASP B 84 1.22 2.83 -7.30
C ASP B 84 2.50 2.34 -7.98
N LEU B 85 3.24 3.29 -8.57
CA LEU B 85 4.49 3.00 -9.26
C LEU B 85 5.65 2.74 -8.28
N TYR B 86 5.65 3.48 -7.18
CA TYR B 86 6.62 3.28 -6.10
C TYR B 86 6.47 1.91 -5.45
N TYR B 87 5.22 1.53 -5.15
CA TYR B 87 4.93 0.21 -4.60
C TYR B 87 5.41 -0.88 -5.55
N HIS B 88 5.15 -0.68 -6.84
CA HIS B 88 5.55 -1.65 -7.85
C HIS B 88 7.06 -1.91 -7.84
N VAL B 89 7.86 -0.85 -7.92
CA VAL B 89 9.32 -1.01 -7.89
C VAL B 89 9.81 -1.58 -6.56
N PHE B 90 9.21 -1.15 -5.45
CA PHE B 90 9.58 -1.66 -4.13
C PHE B 90 9.45 -3.18 -4.03
N ARG B 91 8.30 -3.72 -4.42
CA ARG B 91 8.06 -5.14 -4.23
C ARG B 91 8.86 -6.02 -5.19
N ARG B 92 9.45 -5.41 -6.20
CA ARG B 92 10.43 -6.08 -7.07
C ARG B 92 11.86 -5.99 -6.53
N ILE B 93 12.15 -4.92 -5.81
CA ILE B 93 13.44 -4.77 -5.14
C ILE B 93 13.56 -5.73 -3.96
N SER B 94 12.42 -6.19 -3.45
CA SER B 94 12.38 -7.13 -2.35
C SER B 94 12.20 -8.57 -2.85
C1 RAD C . -4.59 -0.33 4.35
O1 RAD C . -3.74 0.63 3.68
O2 RAD C . -4.21 -0.77 5.44
C2 RAD C . -5.93 -0.77 3.77
C3 RAD C . -6.08 -2.29 3.78
C4 RAD C . -5.24 -3.03 2.75
C5 RAD C . -5.52 -2.48 1.37
C6 RAD C . -5.27 -0.99 1.35
N7 RAD C . -6.14 -0.41 2.36
C8 RAD C . -7.25 1.06 0.78
O3 RAD C . -7.40 1.34 2.97
C9 RAD C . -6.49 2.21 0.10
O4 RAD C . -8.13 0.44 0.18
C10 RAD C . -6.47 3.44 1.03
O5 RAD C . -5.18 1.73 -0.07
O6 RAD C . -7.10 2.55 -1.14
C11 RAD C . -5.50 4.50 0.47
C12 RAD C . -4.20 3.93 -0.07
C13 RAD C . -4.36 2.58 -0.79
C14 RAD C . -3.02 1.86 -0.87
C15 RAD C . -1.94 2.50 -1.73
C16 RAD C . -0.72 1.59 -1.72
O7 RAD C . -2.35 2.61 -3.04
C17 RAD C . 0.41 1.99 -1.14
C18 RAD C . 1.62 1.19 -1.00
C19 RAD C . 2.75 1.76 -0.62
C20 RAD C . 3.96 0.98 -0.47
C21 RAD C . 4.83 1.23 0.49
C22 RAD C . 6.09 0.41 0.64
C23 RAD C . 6.26 -0.07 2.08
C24 RAD C . 5.02 -0.68 2.75
C25 RAD C . 5.09 -0.45 4.24
C26 RAD C . 4.50 0.83 4.82
O8 RAD C . 5.66 -1.27 4.97
C27 RAD C . 2.99 0.67 5.07
O9 RAD C . 5.15 1.00 6.04
C28 RAD C . 2.12 0.70 3.83
O10 RAD C . 2.74 -0.58 5.73
C29 RAD C . 1.49 -0.35 3.30
C30 RAD C . 0.53 -0.24 2.14
C31 RAD C . -0.90 -0.19 2.67
C32 RAD C . -1.49 1.16 3.04
O11 RAD C . -1.57 -1.21 2.81
C33 RAD C . -2.51 1.07 4.18
C34 RAD C . -2.75 2.46 4.81
C35 RAD C . -1.53 2.88 5.63
C36 RAD C . -1.01 1.90 6.68
C37 RAD C . 0.28 2.47 7.27
C38 RAD C . 0.86 1.87 8.56
C39 RAD C . -0.24 1.56 9.62
O12 RAD C . 1.70 2.86 9.09
C40 RAD C . -1.48 0.91 8.97
O13 RAD C . 0.26 0.65 10.60
C41 RAD C . -2.03 1.68 7.79
C42 RAD C . -7.86 4.05 1.15
C43 RAD C . -0.98 0.23 -2.37
C44 RAD C . 7.27 1.28 0.23
C45 RAD C . 4.94 -2.16 2.44
C46 RAD C . 2.10 2.09 3.24
C47 RAD C . 0.72 -1.45 1.24
C48 RAD C . -3.02 3.50 3.73
C49 RAD C . -2.04 3.73 -3.80
C50 RAD C . 6.12 1.98 6.09
C51 RAD C . 2.84 3.21 8.36
C52 RAD C . -2.01 3.10 -5.17
C7 RAD C . -6.91 0.66 2.08
#